data_4W71
# 
_entry.id   4W71 
# 
_audit_conform.dict_name       mmcif_pdbx.dic 
_audit_conform.dict_version    5.383 
_audit_conform.dict_location   http://mmcif.pdb.org/dictionaries/ascii/mmcif_pdbx.dic 
# 
loop_
_database_2.database_id 
_database_2.database_code 
_database_2.pdbx_database_accession 
_database_2.pdbx_DOI 
PDB   4W71         pdb_00004w71 10.2210/pdb4w71/pdb 
WWPDB D_1000203261 ?            ?                   
# 
loop_
_pdbx_audit_revision_history.ordinal 
_pdbx_audit_revision_history.data_content_type 
_pdbx_audit_revision_history.major_revision 
_pdbx_audit_revision_history.minor_revision 
_pdbx_audit_revision_history.revision_date 
1 'Structure model' 1 0 2015-05-27 
2 'Structure model' 1 1 2015-06-10 
3 'Structure model' 1 2 2015-07-01 
4 'Structure model' 1 3 2017-11-22 
5 'Structure model' 1 4 2023-12-27 
# 
_pdbx_audit_revision_details.ordinal             1 
_pdbx_audit_revision_details.revision_ordinal    1 
_pdbx_audit_revision_details.data_content_type   'Structure model' 
_pdbx_audit_revision_details.provider            repository 
_pdbx_audit_revision_details.type                'Initial release' 
_pdbx_audit_revision_details.description         ? 
_pdbx_audit_revision_details.details             ? 
# 
loop_
_pdbx_audit_revision_group.ordinal 
_pdbx_audit_revision_group.revision_ordinal 
_pdbx_audit_revision_group.data_content_type 
_pdbx_audit_revision_group.group 
1 2 'Structure model' 'Derived calculations'   
2 3 'Structure model' 'Database references'    
3 4 'Structure model' 'Database references'    
4 4 'Structure model' 'Derived calculations'   
5 4 'Structure model' 'Refinement description' 
6 4 'Structure model' 'Source and taxonomy'    
7 5 'Structure model' 'Data collection'        
8 5 'Structure model' 'Database references'    
# 
loop_
_pdbx_audit_revision_category.ordinal 
_pdbx_audit_revision_category.revision_ordinal 
_pdbx_audit_revision_category.data_content_type 
_pdbx_audit_revision_category.category 
1  4 'Structure model' citation                    
2  4 'Structure model' pdbx_entity_src_syn         
3  4 'Structure model' pdbx_struct_assembly        
4  4 'Structure model' pdbx_struct_assembly_gen    
5  4 'Structure model' pdbx_struct_oper_list       
6  4 'Structure model' software                    
7  5 'Structure model' chem_comp_atom              
8  5 'Structure model' chem_comp_bond              
9  5 'Structure model' database_2                  
10 5 'Structure model' diffrn_radiation_wavelength 
# 
loop_
_pdbx_audit_revision_item.ordinal 
_pdbx_audit_revision_item.revision_ordinal 
_pdbx_audit_revision_item.data_content_type 
_pdbx_audit_revision_item.item 
1 4 'Structure model' '_citation.journal_id_CSD'                  
2 4 'Structure model' '_pdbx_entity_src_syn.pdbx_alt_source_flag' 
3 4 'Structure model' '_pdbx_struct_assembly.oligomeric_details'  
4 4 'Structure model' '_pdbx_struct_assembly_gen.asym_id_list'    
5 4 'Structure model' '_pdbx_struct_oper_list.symmetry_operation' 
6 5 'Structure model' '_database_2.pdbx_DOI'                      
7 5 'Structure model' '_database_2.pdbx_database_accession'       
# 
_pdbx_database_status.status_code                     REL 
_pdbx_database_status.status_code_sf                  REL 
_pdbx_database_status.status_code_mr                  ? 
_pdbx_database_status.entry_id                        4W71 
_pdbx_database_status.recvd_initial_deposition_date   2014-08-21 
_pdbx_database_status.SG_entry                        N 
_pdbx_database_status.deposit_site                    RCSB 
_pdbx_database_status.process_site                    RCSB 
_pdbx_database_status.status_code_cs                  ? 
_pdbx_database_status.methods_development_category    ? 
_pdbx_database_status.pdb_format_compatible           Y 
_pdbx_database_status.status_code_nmr_data            ? 
# 
loop_
_pdbx_database_related.content_type 
_pdbx_database_related.db_id 
_pdbx_database_related.db_name 
_pdbx_database_related.details 
unspecified 4TUT PDB . 
unspecified 4UBY PDB . 
unspecified 4UBZ PDB . 
unspecified 4W5L PDB . 
unspecified 4W5M PDB . 
unspecified 4W5P PDB . 
unspecified 4W5Y PDB . 
unspecified 4W67 PDB . 
unspecified 4WBU PDB . 
unspecified 4WBV PDB . 
# 
loop_
_audit_author.name 
_audit_author.pdbx_ordinal 
'Yu, L.'     1 
'Lee, S.-J.' 2 
'Yee, V.'    3 
# 
_citation.abstract                  ? 
_citation.abstract_id_CAS           ? 
_citation.book_id_ISBN              ? 
_citation.book_publisher            ? 
_citation.book_publisher_city       ? 
_citation.book_title                ? 
_citation.coordinate_linkage        ? 
_citation.country                   US 
_citation.database_id_Medline       ? 
_citation.details                   ? 
_citation.id                        primary 
_citation.journal_abbrev            Biochemistry 
_citation.journal_id_ASTM           BICHAW 
_citation.journal_id_CSD            0033 
_citation.journal_id_ISSN           0006-2960 
_citation.journal_full              ? 
_citation.journal_issue             ? 
_citation.journal_volume            54 
_citation.language                  ? 
_citation.page_first                3640 
_citation.page_last                 3648 
_citation.title                     
'Crystal Structures of Polymorphic Prion Protein beta 1 Peptides Reveal Variable Steric Zipper Conformations.' 
_citation.year                      2015 
_citation.database_id_CSD           ? 
_citation.pdbx_database_id_DOI      10.1021/acs.biochem.5b00425 
_citation.pdbx_database_id_PubMed   25978088 
_citation.unpublished_flag          ? 
# 
loop_
_citation_author.citation_id 
_citation_author.name 
_citation_author.ordinal 
_citation_author.identifier_ORCID 
primary 'Yu, L.'    1 ? 
primary 'Lee, S.J.' 2 ? 
primary 'Yee, V.C.' 3 ? 
# 
loop_
_entity.id 
_entity.type 
_entity.src_method 
_entity.pdbx_description 
_entity.formula_weight 
_entity.pdbx_number_of_molecules 
_entity.pdbx_ec 
_entity.pdbx_mutation 
_entity.pdbx_fragment 
_entity.details 
1 polymer syn 'PrP peptide' 679.764 2  ? ? ? ? 
2 water   nat water         18.015  10 ? ? ? ? 
# 
_entity_poly.entity_id                      1 
_entity_poly.type                           'polypeptide(L)' 
_entity_poly.nstd_linkage                   no 
_entity_poly.nstd_monomer                   no 
_entity_poly.pdbx_seq_one_letter_code       GYLLGSA 
_entity_poly.pdbx_seq_one_letter_code_can   GYLLGSA 
_entity_poly.pdbx_strand_id                 A,B 
_entity_poly.pdbx_target_identifier         ? 
# 
_pdbx_entity_nonpoly.entity_id   2 
_pdbx_entity_nonpoly.name        water 
_pdbx_entity_nonpoly.comp_id     HOH 
# 
loop_
_entity_poly_seq.entity_id 
_entity_poly_seq.num 
_entity_poly_seq.mon_id 
_entity_poly_seq.hetero 
1 1 GLY n 
1 2 TYR n 
1 3 LEU n 
1 4 LEU n 
1 5 GLY n 
1 6 SER n 
1 7 ALA n 
# 
_pdbx_entity_src_syn.entity_id              1 
_pdbx_entity_src_syn.pdbx_src_id            1 
_pdbx_entity_src_syn.pdbx_alt_source_flag   sample 
_pdbx_entity_src_syn.pdbx_beg_seq_num       1 
_pdbx_entity_src_syn.pdbx_end_seq_num       7 
_pdbx_entity_src_syn.organism_scientific    'synthetic construct' 
_pdbx_entity_src_syn.organism_common_name   ? 
_pdbx_entity_src_syn.ncbi_taxonomy_id       32630 
_pdbx_entity_src_syn.details                synthetic 
# 
loop_
_chem_comp.id 
_chem_comp.type 
_chem_comp.mon_nstd_flag 
_chem_comp.name 
_chem_comp.pdbx_synonyms 
_chem_comp.formula 
_chem_comp.formula_weight 
ALA 'L-peptide linking' y ALANINE  ? 'C3 H7 N O2'  89.093  
GLY 'peptide linking'   y GLYCINE  ? 'C2 H5 N O2'  75.067  
HOH non-polymer         . WATER    ? 'H2 O'        18.015  
LEU 'L-peptide linking' y LEUCINE  ? 'C6 H13 N O2' 131.173 
SER 'L-peptide linking' y SERINE   ? 'C3 H7 N O3'  105.093 
TYR 'L-peptide linking' y TYROSINE ? 'C9 H11 N O3' 181.189 
# 
loop_
_pdbx_poly_seq_scheme.asym_id 
_pdbx_poly_seq_scheme.entity_id 
_pdbx_poly_seq_scheme.seq_id 
_pdbx_poly_seq_scheme.mon_id 
_pdbx_poly_seq_scheme.ndb_seq_num 
_pdbx_poly_seq_scheme.pdb_seq_num 
_pdbx_poly_seq_scheme.auth_seq_num 
_pdbx_poly_seq_scheme.pdb_mon_id 
_pdbx_poly_seq_scheme.auth_mon_id 
_pdbx_poly_seq_scheme.pdb_strand_id 
_pdbx_poly_seq_scheme.pdb_ins_code 
_pdbx_poly_seq_scheme.hetero 
A 1 1 GLY 1 127 127 GLY GLY A . n 
A 1 2 TYR 2 128 128 TYR TYR A . n 
A 1 3 LEU 3 129 129 LEU LEU A . n 
A 1 4 LEU 4 130 130 LEU LEU A . n 
A 1 5 GLY 5 131 131 GLY GLY A . n 
A 1 6 SER 6 132 132 SER SER A . n 
A 1 7 ALA 7 133 133 ALA ALA A . n 
B 1 1 GLY 1 127 127 GLY GLY B . n 
B 1 2 TYR 2 128 128 TYR TYR B . n 
B 1 3 LEU 3 129 129 LEU LEU B . n 
B 1 4 LEU 4 130 130 LEU LEU B . n 
B 1 5 GLY 5 131 131 GLY GLY B . n 
B 1 6 SER 6 132 132 SER SER B . n 
B 1 7 ALA 7 133 133 ALA ALA B . n 
# 
loop_
_pdbx_nonpoly_scheme.asym_id 
_pdbx_nonpoly_scheme.entity_id 
_pdbx_nonpoly_scheme.mon_id 
_pdbx_nonpoly_scheme.ndb_seq_num 
_pdbx_nonpoly_scheme.pdb_seq_num 
_pdbx_nonpoly_scheme.auth_seq_num 
_pdbx_nonpoly_scheme.pdb_mon_id 
_pdbx_nonpoly_scheme.auth_mon_id 
_pdbx_nonpoly_scheme.pdb_strand_id 
_pdbx_nonpoly_scheme.pdb_ins_code 
C 2 HOH 1 201 9  HOH HOH A . 
C 2 HOH 2 202 10 HOH HOH A . 
C 2 HOH 3 203 5  HOH HOH A . 
C 2 HOH 4 204 2  HOH HOH A . 
C 2 HOH 5 205 7  HOH HOH A . 
C 2 HOH 6 206 6  HOH HOH A . 
D 2 HOH 1 201 3  HOH HOH B . 
D 2 HOH 2 202 4  HOH HOH B . 
D 2 HOH 3 203 1  HOH HOH B . 
D 2 HOH 4 204 8  HOH HOH B . 
# 
loop_
_software.citation_id 
_software.classification 
_software.compiler_name 
_software.compiler_version 
_software.contact_author 
_software.contact_author_email 
_software.date 
_software.description 
_software.dependencies 
_software.hardware 
_software.language 
_software.location 
_software.mods 
_software.name 
_software.os 
_software.os_version 
_software.type 
_software.version 
_software.pdbx_ordinal 
? 'data reduction'  ? ? ? ? ? ? ? ? ? ? ? HKL-2000    ? ? ? .                           1 
? phasing           ? ? ? ? ? ? ? ? ? ? ? SHELX       ? ? ? .                           2 
? 'data extraction' ? ? ? ? ? ? ? ? ? ? ? PDB_EXTRACT ? ? ? 3.15                        3 
? 'data scaling'    ? ? ? ? ? ? ? ? ? ? ? HKL-2000    ? ? ? .                           4 
? refinement        ? ? ? ? ? ? ? ? ? ? ? PHENIX      ? ? ? '(phenix.refine: 1.9_1692)' 5 
? 'data reduction'  ? ? ? ? ? ? ? ? ? ? ? DENZO       ? ? ? .                           6 
? 'data scaling'    ? ? ? ? ? ? ? ? ? ? ? SCALEPACK   ? ? ? .                           7 
# 
_cell.length_a           9.467 
_cell.length_b           10.382 
_cell.length_c           22.343 
_cell.angle_alpha        81.800 
_cell.angle_beta         81.400 
_cell.angle_gamma        67.950 
_cell.entry_id           4W71 
_cell.Z_PDB              2 
_cell.pdbx_unique_axis   ? 
# 
_symmetry.entry_id                         4W71 
_symmetry.cell_setting                     ? 
_symmetry.Int_Tables_number                1 
_symmetry.space_group_name_Hall            ? 
_symmetry.space_group_name_H-M             'P 1' 
_symmetry.pdbx_full_space_group_name_H-M   ? 
# 
_exptl.absorpt_coefficient_mu     ? 
_exptl.absorpt_correction_T_max   ? 
_exptl.absorpt_correction_T_min   ? 
_exptl.absorpt_correction_type    ? 
_exptl.absorpt_process_details    ? 
_exptl.entry_id                   4W71 
_exptl.crystals_number            1 
_exptl.details                    ? 
_exptl.method                     'X-RAY DIFFRACTION' 
_exptl.method_details             ? 
# 
_exptl_crystal.colour                      ? 
_exptl_crystal.density_diffrn              ? 
_exptl_crystal.density_Matthews            1.47 
_exptl_crystal.density_method              ? 
_exptl_crystal.density_percent_sol         16.54 
_exptl_crystal.description                 ? 
_exptl_crystal.F_000                       ? 
_exptl_crystal.id                          1 
_exptl_crystal.preparation                 ? 
_exptl_crystal.size_max                    ? 
_exptl_crystal.size_mid                    ? 
_exptl_crystal.size_min                    ? 
_exptl_crystal.size_rad                    ? 
_exptl_crystal.colour_lustre               ? 
_exptl_crystal.colour_modifier             ? 
_exptl_crystal.colour_primary              ? 
_exptl_crystal.density_meas                ? 
_exptl_crystal.density_meas_esd            ? 
_exptl_crystal.density_meas_gt             ? 
_exptl_crystal.density_meas_lt             ? 
_exptl_crystal.density_meas_temp           ? 
_exptl_crystal.density_meas_temp_esd       ? 
_exptl_crystal.density_meas_temp_gt        ? 
_exptl_crystal.density_meas_temp_lt        ? 
_exptl_crystal.pdbx_crystal_image_url      ? 
_exptl_crystal.pdbx_crystal_image_format   ? 
_exptl_crystal.pdbx_mosaicity              ? 
_exptl_crystal.pdbx_mosaicity_esd          ? 
# 
_exptl_crystal_grow.apparatus       ? 
_exptl_crystal_grow.atmosphere      ? 
_exptl_crystal_grow.crystal_id      1 
_exptl_crystal_grow.details         ? 
_exptl_crystal_grow.method          'VAPOR DIFFUSION, SITTING DROP' 
_exptl_crystal_grow.method_ref      ? 
_exptl_crystal_grow.pH              8.5 
_exptl_crystal_grow.pressure        ? 
_exptl_crystal_grow.pressure_esd    ? 
_exptl_crystal_grow.seeding         ? 
_exptl_crystal_grow.seeding_ref     ? 
_exptl_crystal_grow.temp            293 
_exptl_crystal_grow.temp_details    ? 
_exptl_crystal_grow.temp_esd        ? 
_exptl_crystal_grow.time            ? 
_exptl_crystal_grow.pdbx_details    '0.1 M Tris and 10-14 % ethanol' 
_exptl_crystal_grow.pdbx_pH_range   ? 
# 
_diffrn.ambient_environment    ? 
_diffrn.ambient_temp           100 
_diffrn.ambient_temp_details   ? 
_diffrn.ambient_temp_esd       ? 
_diffrn.crystal_id             1 
_diffrn.crystal_support        ? 
_diffrn.crystal_treatment      ? 
_diffrn.details                ? 
_diffrn.id                     1 
_diffrn.ambient_pressure       ? 
_diffrn.ambient_pressure_esd   ? 
_diffrn.ambient_pressure_gt    ? 
_diffrn.ambient_pressure_lt    ? 
_diffrn.ambient_temp_gt        ? 
_diffrn.ambient_temp_lt        ? 
# 
_diffrn_detector.details                      ? 
_diffrn_detector.detector                     CCD 
_diffrn_detector.diffrn_id                    1 
_diffrn_detector.type                         'MARMOSAIC 300 mm CCD' 
_diffrn_detector.area_resol_mean              ? 
_diffrn_detector.dtime                        ? 
_diffrn_detector.pdbx_frames_total            ? 
_diffrn_detector.pdbx_collection_time_total   ? 
_diffrn_detector.pdbx_collection_date         2011-07-01 
# 
_diffrn_radiation.collimation                      ? 
_diffrn_radiation.diffrn_id                        1 
_diffrn_radiation.filter_edge                      ? 
_diffrn_radiation.inhomogeneity                    ? 
_diffrn_radiation.monochromator                    ? 
_diffrn_radiation.polarisn_norm                    ? 
_diffrn_radiation.polarisn_ratio                   ? 
_diffrn_radiation.probe                            ? 
_diffrn_radiation.type                             ? 
_diffrn_radiation.xray_symbol                      ? 
_diffrn_radiation.wavelength_id                    1 
_diffrn_radiation.pdbx_monochromatic_or_laue_m_l   M 
_diffrn_radiation.pdbx_wavelength_list             ? 
_diffrn_radiation.pdbx_wavelength                  ? 
_diffrn_radiation.pdbx_diffrn_protocol             'SINGLE WAVELENGTH' 
_diffrn_radiation.pdbx_analyzer                    ? 
_diffrn_radiation.pdbx_scattering_type             x-ray 
# 
_diffrn_radiation_wavelength.id           1 
_diffrn_radiation_wavelength.wavelength   1.000 
_diffrn_radiation_wavelength.wt           1.0 
# 
_diffrn_source.current                     ? 
_diffrn_source.details                     ? 
_diffrn_source.diffrn_id                   1 
_diffrn_source.power                       ? 
_diffrn_source.size                        ? 
_diffrn_source.source                      SYNCHROTRON 
_diffrn_source.target                      ? 
_diffrn_source.type                        'APS BEAMLINE 23-ID-D' 
_diffrn_source.voltage                     ? 
_diffrn_source.take-off_angle              ? 
_diffrn_source.pdbx_wavelength_list        1.000 
_diffrn_source.pdbx_wavelength             ? 
_diffrn_source.pdbx_synchrotron_beamline   23-ID-D 
_diffrn_source.pdbx_synchrotron_site       APS 
# 
_reflns.B_iso_Wilson_estimate            2.340 
_reflns.entry_id                         4W71 
_reflns.data_reduction_details           ? 
_reflns.data_reduction_method            ? 
_reflns.d_resolution_high                1.000 
_reflns.d_resolution_low                 50.000 
_reflns.details                          ? 
_reflns.limit_h_max                      ? 
_reflns.limit_h_min                      ? 
_reflns.limit_k_max                      ? 
_reflns.limit_k_min                      ? 
_reflns.limit_l_max                      ? 
_reflns.limit_l_min                      ? 
_reflns.number_all                       ? 
_reflns.number_obs                       3028 
_reflns.observed_criterion               ? 
_reflns.observed_criterion_F_max         ? 
_reflns.observed_criterion_F_min         ? 
_reflns.observed_criterion_I_max         ? 
_reflns.observed_criterion_I_min         ? 
_reflns.observed_criterion_sigma_F       ? 
_reflns.observed_criterion_sigma_I       ? 
_reflns.percent_possible_obs             72.100 
_reflns.R_free_details                   ? 
_reflns.Rmerge_F_all                     ? 
_reflns.Rmerge_F_obs                     ? 
_reflns.Friedel_coverage                 ? 
_reflns.number_gt                        ? 
_reflns.threshold_expression             ? 
_reflns.pdbx_redundancy                  2.400 
_reflns.pdbx_Rmerge_I_obs                0.073 
_reflns.pdbx_Rmerge_I_all                ? 
_reflns.pdbx_Rsym_value                  ? 
_reflns.pdbx_netI_over_av_sigmaI         12.316 
_reflns.pdbx_netI_over_sigmaI            20.400 
_reflns.pdbx_res_netI_over_av_sigmaI_2   ? 
_reflns.pdbx_res_netI_over_sigmaI_2      ? 
_reflns.pdbx_chi_squared                 1.055 
_reflns.pdbx_scaling_rejects             ? 
_reflns.pdbx_d_res_high_opt              ? 
_reflns.pdbx_d_res_low_opt               ? 
_reflns.pdbx_d_res_opt_method            ? 
_reflns.phase_calculation_details        ? 
_reflns.pdbx_Rrim_I_all                  ? 
_reflns.pdbx_Rpim_I_all                  ? 
_reflns.pdbx_d_opt                       ? 
_reflns.pdbx_number_measured_all         7387 
_reflns.pdbx_diffrn_id                   1 
_reflns.pdbx_ordinal                     1 
_reflns.pdbx_CC_half                     ? 
_reflns.pdbx_R_split                     ? 
# 
loop_
_reflns_shell.d_res_high 
_reflns_shell.d_res_low 
_reflns_shell.meanI_over_sigI_all 
_reflns_shell.meanI_over_sigI_obs 
_reflns_shell.number_measured_all 
_reflns_shell.number_measured_obs 
_reflns_shell.number_possible 
_reflns_shell.number_unique_all 
_reflns_shell.number_unique_obs 
_reflns_shell.percent_possible_all 
_reflns_shell.percent_possible_obs 
_reflns_shell.Rmerge_F_all 
_reflns_shell.Rmerge_F_obs 
_reflns_shell.Rmerge_I_all 
_reflns_shell.Rmerge_I_obs 
_reflns_shell.meanI_over_sigI_gt 
_reflns_shell.meanI_over_uI_all 
_reflns_shell.meanI_over_uI_gt 
_reflns_shell.number_measured_gt 
_reflns_shell.number_unique_gt 
_reflns_shell.percent_possible_gt 
_reflns_shell.Rmerge_F_gt 
_reflns_shell.Rmerge_I_gt 
_reflns_shell.pdbx_redundancy 
_reflns_shell.pdbx_Rsym_value 
_reflns_shell.pdbx_chi_squared 
_reflns_shell.pdbx_netI_over_sigmaI_all 
_reflns_shell.pdbx_netI_over_sigmaI_obs 
_reflns_shell.pdbx_Rrim_I_all 
_reflns_shell.pdbx_Rpim_I_all 
_reflns_shell.pdbx_rejects 
_reflns_shell.pdbx_ordinal 
_reflns_shell.pdbx_diffrn_id 
_reflns_shell.pdbx_CC_half 
_reflns_shell.pdbx_R_split 
1.000 1.040  ? ? ? ? ? 184 ? 43.000 ? ? ? ? 0.146 ? ? ? ? ? ? ? ? 1.600 ? 1.548 ? ? ? ? 0 1  1 ? ? 
1.040 1.080  ? ? ? ? ? 227 ? 55.400 ? ? ? ? 0.107 ? ? ? ? ? ? ? ? 1.800 ? 1.054 ? ? ? ? 0 2  1 ? ? 
1.080 1.130  ? ? ? ? ? 288 ? 67.100 ? ? ? ? 0.096 ? ? ? ? ? ? ? ? 2.200 ? 1.002 ? ? ? ? 0 3  1 ? ? 
1.130 1.190  ? ? ? ? ? 285 ? 67.400 ? ? ? ? 0.097 ? ? ? ? ? ? ? ? 2.300 ? 0.960 ? ? ? ? 0 4  1 ? ? 
1.190 1.260  ? ? ? ? ? 281 ? 68.900 ? ? ? ? 0.106 ? ? ? ? ? ? ? ? 2.200 ? 1.073 ? ? ? ? 0 5  1 ? ? 
1.260 1.360  ? ? ? ? ? 319 ? 73.800 ? ? ? ? 0.085 ? ? ? ? ? ? ? ? 2.300 ? 0.975 ? ? ? ? 0 6  1 ? ? 
1.360 1.490  ? ? ? ? ? 333 ? 80.000 ? ? ? ? 0.090 ? ? ? ? ? ? ? ? 2.500 ? 1.067 ? ? ? ? 0 7  1 ? ? 
1.490 1.710  ? ? ? ? ? 345 ? 85.000 ? ? ? ? 0.080 ? ? ? ? ? ? ? ? 2.600 ? 1.046 ? ? ? ? 0 8  1 ? ? 
1.710 2.150  ? ? ? ? ? 387 ? 90.400 ? ? ? ? 0.066 ? ? ? ? ? ? ? ? 2.900 ? 1.087 ? ? ? ? 0 9  1 ? ? 
2.150 50.000 ? ? ? ? ? 379 ? 90.500 ? ? ? ? 0.060 ? ? ? ? ? ? ? ? 3.100 ? 1.050 ? ? ? ? 0 10 1 ? ? 
# 
_refine.aniso_B[1][1]                            ? 
_refine.aniso_B[1][2]                            ? 
_refine.aniso_B[1][3]                            ? 
_refine.aniso_B[2][2]                            ? 
_refine.aniso_B[2][3]                            ? 
_refine.aniso_B[3][3]                            ? 
_refine.B_iso_max                                28.330 
_refine.B_iso_mean                               5.7137 
_refine.B_iso_min                                1.200 
_refine.correlation_coeff_Fo_to_Fc               ? 
_refine.correlation_coeff_Fo_to_Fc_free          ? 
_refine.details                                  ? 
_refine.diff_density_max                         ? 
_refine.diff_density_max_esd                     ? 
_refine.diff_density_min                         ? 
_refine.diff_density_min_esd                     ? 
_refine.diff_density_rms                         ? 
_refine.diff_density_rms_esd                     ? 
_refine.entry_id                                 4W71 
_refine.pdbx_refine_id                           'X-RAY DIFFRACTION' 
_refine.ls_abs_structure_details                 ? 
_refine.ls_abs_structure_Flack                   ? 
_refine.ls_abs_structure_Flack_esd               ? 
_refine.ls_abs_structure_Rogers                  ? 
_refine.ls_abs_structure_Rogers_esd              ? 
_refine.ls_d_res_high                            1.0000 
_refine.ls_d_res_low                             10.9970 
_refine.ls_extinction_coef                       ? 
_refine.ls_extinction_coef_esd                   ? 
_refine.ls_extinction_expression                 ? 
_refine.ls_extinction_method                     ? 
_refine.ls_goodness_of_fit_all                   ? 
_refine.ls_goodness_of_fit_all_esd               ? 
_refine.ls_goodness_of_fit_obs                   ? 
_refine.ls_goodness_of_fit_obs_esd               ? 
_refine.ls_hydrogen_treatment                    ? 
_refine.ls_matrix_type                           ? 
_refine.ls_number_constraints                    ? 
_refine.ls_number_parameters                     ? 
_refine.ls_number_reflns_all                     ? 
_refine.ls_number_reflns_obs                     3018 
_refine.ls_number_reflns_R_free                  124 
_refine.ls_number_reflns_R_work                  2894 
_refine.ls_number_restraints                     ? 
_refine.ls_percent_reflns_obs                    71.8200 
_refine.ls_percent_reflns_R_free                 4.1100 
_refine.ls_R_factor_all                          ? 
_refine.ls_R_factor_obs                          0.1190 
_refine.ls_R_factor_R_free                       0.1534 
_refine.ls_R_factor_R_free_error                 ? 
_refine.ls_R_factor_R_free_error_details         ? 
_refine.ls_R_factor_R_work                       0.1176 
_refine.ls_R_Fsqd_factor_obs                     ? 
_refine.ls_R_I_factor_obs                        ? 
_refine.ls_redundancy_reflns_all                 ? 
_refine.ls_redundancy_reflns_obs                 ? 
_refine.ls_restrained_S_all                      ? 
_refine.ls_restrained_S_obs                      ? 
_refine.ls_shift_over_esd_max                    ? 
_refine.ls_shift_over_esd_mean                   ? 
_refine.ls_structure_factor_coef                 ? 
_refine.ls_weighting_details                     ? 
_refine.ls_weighting_scheme                      ? 
_refine.ls_wR_factor_all                         ? 
_refine.ls_wR_factor_obs                         ? 
_refine.ls_wR_factor_R_free                      ? 
_refine.ls_wR_factor_R_work                      ? 
_refine.occupancy_max                            ? 
_refine.occupancy_min                            ? 
_refine.solvent_model_details                    'FLAT BULK SOLVENT MODEL' 
_refine.solvent_model_param_bsol                 ? 
_refine.solvent_model_param_ksol                 ? 
_refine.ls_R_factor_gt                           ? 
_refine.ls_goodness_of_fit_gt                    ? 
_refine.ls_goodness_of_fit_ref                   ? 
_refine.ls_shift_over_su_max                     ? 
_refine.ls_shift_over_su_max_lt                  ? 
_refine.ls_shift_over_su_mean                    ? 
_refine.ls_shift_over_su_mean_lt                 ? 
_refine.pdbx_ls_sigma_I                          ? 
_refine.pdbx_ls_sigma_F                          2.250 
_refine.pdbx_ls_sigma_Fsqd                       ? 
_refine.pdbx_data_cutoff_high_absF               ? 
_refine.pdbx_data_cutoff_high_rms_absF           ? 
_refine.pdbx_data_cutoff_low_absF                ? 
_refine.pdbx_isotropic_thermal_model             ? 
_refine.pdbx_ls_cross_valid_method               'FREE R-VALUE' 
_refine.pdbx_method_to_determine_struct          'AB INITIO PHASING' 
_refine.pdbx_starting_model                      ? 
_refine.pdbx_stereochemistry_target_values       ML 
_refine.pdbx_R_Free_selection_details            ? 
_refine.pdbx_stereochem_target_val_spec_case     ? 
_refine.pdbx_overall_ESU_R                       ? 
_refine.pdbx_overall_ESU_R_Free                  ? 
_refine.pdbx_solvent_vdw_probe_radii             1.1100 
_refine.pdbx_solvent_ion_probe_radii             ? 
_refine.pdbx_solvent_shrinkage_radii             0.9000 
_refine.pdbx_real_space_R                        ? 
_refine.pdbx_density_correlation                 ? 
_refine.pdbx_pd_number_of_powder_patterns        ? 
_refine.pdbx_pd_number_of_points                 ? 
_refine.pdbx_pd_meas_number_of_points            ? 
_refine.pdbx_pd_proc_ls_prof_R_factor            ? 
_refine.pdbx_pd_proc_ls_prof_wR_factor           ? 
_refine.pdbx_pd_Marquardt_correlation_coeff      ? 
_refine.pdbx_pd_Fsqrd_R_factor                   ? 
_refine.pdbx_pd_ls_matrix_band_width             ? 
_refine.pdbx_overall_phase_error                 14.1700 
_refine.pdbx_overall_SU_R_free_Cruickshank_DPI   ? 
_refine.pdbx_overall_SU_R_free_Blow_DPI          ? 
_refine.pdbx_overall_SU_R_Blow_DPI               ? 
_refine.pdbx_TLS_residual_ADP_flag               ? 
_refine.pdbx_diffrn_id                           1 
_refine.overall_SU_B                             ? 
_refine.overall_SU_ML                            0.0700 
_refine.overall_SU_R_Cruickshank_DPI             ? 
_refine.overall_SU_R_free                        ? 
_refine.overall_FOM_free_R_set                   ? 
_refine.overall_FOM_work_R_set                   ? 
# 
_refine_hist.cycle_id                         final 
_refine_hist.pdbx_refine_id                   'X-RAY DIFFRACTION' 
_refine_hist.d_res_high                       1.0000 
_refine_hist.d_res_low                        10.9970 
_refine_hist.pdbx_number_atoms_ligand         0 
_refine_hist.number_atoms_solvent             10 
_refine_hist.number_atoms_total               104 
_refine_hist.pdbx_number_residues_total       14 
_refine_hist.pdbx_B_iso_mean_solvent          19.98 
_refine_hist.pdbx_number_atoms_protein        94 
_refine_hist.pdbx_number_atoms_nucleic_acid   0 
# 
loop_
_refine_ls_restr.pdbx_refine_id 
_refine_ls_restr.criterion 
_refine_ls_restr.dev_ideal 
_refine_ls_restr.dev_ideal_target 
_refine_ls_restr.number 
_refine_ls_restr.rejects 
_refine_ls_restr.type 
_refine_ls_restr.weight 
_refine_ls_restr.pdbx_restraint_function 
'X-RAY DIFFRACTION' ? 0.009  ? 113 ? f_bond_d           ? ? 
'X-RAY DIFFRACTION' ? 1.327  ? 152 ? f_angle_d          ? ? 
'X-RAY DIFFRACTION' ? 0.051  ? 18  ? f_chiral_restr     ? ? 
'X-RAY DIFFRACTION' ? 0.005  ? 18  ? f_plane_restr      ? ? 
'X-RAY DIFFRACTION' ? 11.696 ? 34  ? f_dihedral_angle_d ? ? 
# 
_refine_ls_shell.pdbx_refine_id                   'X-RAY DIFFRACTION' 
_refine_ls_shell.d_res_high                       0.9996 
_refine_ls_shell.d_res_low                        10.9972 
_refine_ls_shell.number_reflns_all                3018 
_refine_ls_shell.number_reflns_obs                ? 
_refine_ls_shell.number_reflns_R_free             124 
_refine_ls_shell.number_reflns_R_work             2894 
_refine_ls_shell.percent_reflns_obs               72.0000 
_refine_ls_shell.percent_reflns_R_free            ? 
_refine_ls_shell.R_factor_all                     ? 
_refine_ls_shell.R_factor_obs                     ? 
_refine_ls_shell.R_factor_R_free                  0.1534 
_refine_ls_shell.R_factor_R_free_error            ? 
_refine_ls_shell.R_factor_R_work                  0.1176 
_refine_ls_shell.redundancy_reflns_all            ? 
_refine_ls_shell.redundancy_reflns_obs            ? 
_refine_ls_shell.wR_factor_all                    ? 
_refine_ls_shell.wR_factor_obs                    ? 
_refine_ls_shell.wR_factor_R_free                 ? 
_refine_ls_shell.wR_factor_R_work                 ? 
_refine_ls_shell.pdbx_total_number_of_bins_used   1 
_refine_ls_shell.pdbx_phase_error                 ? 
# 
_struct.entry_id                     4W71 
_struct.title                        'Crystal structure of a prion peptide' 
_struct.pdbx_model_details           ? 
_struct.pdbx_formula_weight          ? 
_struct.pdbx_formula_weight_method   ? 
_struct.pdbx_model_type_details      ? 
_struct.pdbx_CASP_flag               ? 
# 
_struct_keywords.entry_id        4W71 
_struct_keywords.text            'prion peptide, membrane protein, de novo protein' 
_struct_keywords.pdbx_keywords   'de novo protein, membrane protein' 
# 
loop_
_struct_asym.id 
_struct_asym.pdbx_blank_PDB_chainid_flag 
_struct_asym.pdbx_modified 
_struct_asym.entity_id 
_struct_asym.details 
A N N 1 ? 
B N N 1 ? 
C N N 2 ? 
D N N 2 ? 
# 
_struct_ref.id                         1 
_struct_ref.db_name                    PDB 
_struct_ref.db_code                    4W71 
_struct_ref.pdbx_db_accession          4W71 
_struct_ref.pdbx_db_isoform            ? 
_struct_ref.entity_id                  1 
_struct_ref.pdbx_seq_one_letter_code   ? 
_struct_ref.pdbx_align_begin           1 
# 
loop_
_struct_ref_seq.align_id 
_struct_ref_seq.ref_id 
_struct_ref_seq.pdbx_PDB_id_code 
_struct_ref_seq.pdbx_strand_id 
_struct_ref_seq.seq_align_beg 
_struct_ref_seq.pdbx_seq_align_beg_ins_code 
_struct_ref_seq.seq_align_end 
_struct_ref_seq.pdbx_seq_align_end_ins_code 
_struct_ref_seq.pdbx_db_accession 
_struct_ref_seq.db_align_beg 
_struct_ref_seq.pdbx_db_align_beg_ins_code 
_struct_ref_seq.db_align_end 
_struct_ref_seq.pdbx_db_align_end_ins_code 
_struct_ref_seq.pdbx_auth_seq_align_beg 
_struct_ref_seq.pdbx_auth_seq_align_end 
1 1 4W71 A 1 ? 7 ? 4W71 127 ? 133 ? 127 133 
2 1 4W71 B 1 ? 7 ? 4W71 127 ? 133 ? 127 133 
# 
_pdbx_struct_assembly.id                   1 
_pdbx_struct_assembly.details              author_defined_assembly 
_pdbx_struct_assembly.method_details       ? 
_pdbx_struct_assembly.oligomeric_details   octameric 
_pdbx_struct_assembly.oligomeric_count     8 
# 
_pdbx_struct_assembly_gen.assembly_id       1 
_pdbx_struct_assembly_gen.oper_expression   1,2,3,4 
_pdbx_struct_assembly_gen.asym_id_list      A,B,C,D 
# 
loop_
_pdbx_struct_oper_list.id 
_pdbx_struct_oper_list.type 
_pdbx_struct_oper_list.name 
_pdbx_struct_oper_list.symmetry_operation 
_pdbx_struct_oper_list.matrix[1][1] 
_pdbx_struct_oper_list.matrix[1][2] 
_pdbx_struct_oper_list.matrix[1][3] 
_pdbx_struct_oper_list.vector[1] 
_pdbx_struct_oper_list.matrix[2][1] 
_pdbx_struct_oper_list.matrix[2][2] 
_pdbx_struct_oper_list.matrix[2][3] 
_pdbx_struct_oper_list.vector[2] 
_pdbx_struct_oper_list.matrix[3][1] 
_pdbx_struct_oper_list.matrix[3][2] 
_pdbx_struct_oper_list.matrix[3][3] 
_pdbx_struct_oper_list.vector[3] 
1 'identity operation'         1_555 x,y,z     1.0000000000 0.0000000000 0.0000000000 0.0000000000  0.0000000000 1.0000000000 0.0000000000 0.0000000000  0.0000000000 0.0000000000 1.0000000000 0.0000000000  
2 'crystal symmetry operation' 1_655 x+1,y,z   1.0000000000 0.0000000000 0.0000000000 3.9336362709  0.0000000000 1.0000000000 0.0000000000 7.8661589239  0.0000000000 0.0000000000 1.0000000000 3.5034466560  
3 'crystal symmetry operation' 1_665 x+1,y+1,z 1.0000000000 0.0000000000 0.0000000000 -1.0451880297 0.0000000000 1.0000000000 0.0000000000 16.4303587612 0.0000000000 0.0000000000 1.0000000000 0.3967259203  
4 'crystal symmetry operation' 1_565 x,y+1,z   1.0000000000 0.0000000000 0.0000000000 -4.9788243007 0.0000000000 1.0000000000 0.0000000000 8.5641998373  0.0000000000 0.0000000000 1.0000000000 -3.1067207357 
# 
_struct_biol.details                      
;BIOLOGICAL UNIT DISPLAYS ONLY A PORTION OF THE CRYSTAL       
LATTICE TO DEMONSTRATE THE CRYSTAL PACKING CONTENT. THE CRYSTAL      
PACKING IS FORMED BY A REPETITION IN BOTH DIRECTIONS OF THE PORTION   INDICATED
;
_struct_biol.id                           1 
_struct_biol.pdbx_parent_biol_id          ? 
_struct_biol.pdbx_formula_weight          ? 
_struct_biol.pdbx_formula_weight_method   ? 
_struct_biol.pdbx_aggregation_state       ? 
_struct_biol.pdbx_assembly_method         ? 
# 
_struct_sheet.id               AA1 
_struct_sheet.type             ? 
_struct_sheet.number_strands   2 
_struct_sheet.details          ? 
# 
_struct_sheet_order.sheet_id     AA1 
_struct_sheet_order.range_id_1   1 
_struct_sheet_order.range_id_2   2 
_struct_sheet_order.offset       ? 
_struct_sheet_order.sense        anti-parallel 
# 
loop_
_struct_sheet_range.sheet_id 
_struct_sheet_range.id 
_struct_sheet_range.beg_label_comp_id 
_struct_sheet_range.beg_label_asym_id 
_struct_sheet_range.beg_label_seq_id 
_struct_sheet_range.pdbx_beg_PDB_ins_code 
_struct_sheet_range.end_label_comp_id 
_struct_sheet_range.end_label_asym_id 
_struct_sheet_range.end_label_seq_id 
_struct_sheet_range.pdbx_end_PDB_ins_code 
_struct_sheet_range.beg_auth_comp_id 
_struct_sheet_range.beg_auth_asym_id 
_struct_sheet_range.beg_auth_seq_id 
_struct_sheet_range.end_auth_comp_id 
_struct_sheet_range.end_auth_asym_id 
_struct_sheet_range.end_auth_seq_id 
AA1 1 LEU A 3 ? SER A 6 ? LEU A 129 SER A 132 
AA1 2 TYR B 2 ? GLY B 5 ? TYR B 128 GLY B 131 
# 
_pdbx_struct_sheet_hbond.sheet_id                AA1 
_pdbx_struct_sheet_hbond.range_id_1              1 
_pdbx_struct_sheet_hbond.range_id_2              2 
_pdbx_struct_sheet_hbond.range_1_label_atom_id   N 
_pdbx_struct_sheet_hbond.range_1_label_comp_id   LEU 
_pdbx_struct_sheet_hbond.range_1_label_asym_id   A 
_pdbx_struct_sheet_hbond.range_1_label_seq_id    4 
_pdbx_struct_sheet_hbond.range_1_PDB_ins_code    ? 
_pdbx_struct_sheet_hbond.range_1_auth_atom_id    N 
_pdbx_struct_sheet_hbond.range_1_auth_comp_id    LEU 
_pdbx_struct_sheet_hbond.range_1_auth_asym_id    A 
_pdbx_struct_sheet_hbond.range_1_auth_seq_id     130 
_pdbx_struct_sheet_hbond.range_2_label_atom_id   O 
_pdbx_struct_sheet_hbond.range_2_label_comp_id   LEU 
_pdbx_struct_sheet_hbond.range_2_label_asym_id   B 
_pdbx_struct_sheet_hbond.range_2_label_seq_id    4 
_pdbx_struct_sheet_hbond.range_2_PDB_ins_code    ? 
_pdbx_struct_sheet_hbond.range_2_auth_atom_id    O 
_pdbx_struct_sheet_hbond.range_2_auth_comp_id    LEU 
_pdbx_struct_sheet_hbond.range_2_auth_asym_id    B 
_pdbx_struct_sheet_hbond.range_2_auth_seq_id     130 
# 
_pdbx_validate_close_contact.id               1 
_pdbx_validate_close_contact.PDB_model_num    1 
_pdbx_validate_close_contact.auth_atom_id_1   O 
_pdbx_validate_close_contact.auth_asym_id_1   A 
_pdbx_validate_close_contact.auth_comp_id_1   HOH 
_pdbx_validate_close_contact.auth_seq_id_1    201 
_pdbx_validate_close_contact.PDB_ins_code_1   ? 
_pdbx_validate_close_contact.label_alt_id_1   ? 
_pdbx_validate_close_contact.auth_atom_id_2   O 
_pdbx_validate_close_contact.auth_asym_id_2   A 
_pdbx_validate_close_contact.auth_comp_id_2   HOH 
_pdbx_validate_close_contact.auth_seq_id_2    202 
_pdbx_validate_close_contact.PDB_ins_code_2   ? 
_pdbx_validate_close_contact.label_alt_id_2   ? 
_pdbx_validate_close_contact.dist             2.18 
# 
loop_
_chem_comp_atom.comp_id 
_chem_comp_atom.atom_id 
_chem_comp_atom.type_symbol 
_chem_comp_atom.pdbx_aromatic_flag 
_chem_comp_atom.pdbx_stereo_config 
_chem_comp_atom.pdbx_ordinal 
ALA N    N N N 1  
ALA CA   C N S 2  
ALA C    C N N 3  
ALA O    O N N 4  
ALA CB   C N N 5  
ALA OXT  O N N 6  
ALA H    H N N 7  
ALA H2   H N N 8  
ALA HA   H N N 9  
ALA HB1  H N N 10 
ALA HB2  H N N 11 
ALA HB3  H N N 12 
ALA HXT  H N N 13 
GLY N    N N N 14 
GLY CA   C N N 15 
GLY C    C N N 16 
GLY O    O N N 17 
GLY OXT  O N N 18 
GLY H    H N N 19 
GLY H2   H N N 20 
GLY HA2  H N N 21 
GLY HA3  H N N 22 
GLY HXT  H N N 23 
HOH O    O N N 24 
HOH H1   H N N 25 
HOH H2   H N N 26 
LEU N    N N N 27 
LEU CA   C N S 28 
LEU C    C N N 29 
LEU O    O N N 30 
LEU CB   C N N 31 
LEU CG   C N N 32 
LEU CD1  C N N 33 
LEU CD2  C N N 34 
LEU OXT  O N N 35 
LEU H    H N N 36 
LEU H2   H N N 37 
LEU HA   H N N 38 
LEU HB2  H N N 39 
LEU HB3  H N N 40 
LEU HG   H N N 41 
LEU HD11 H N N 42 
LEU HD12 H N N 43 
LEU HD13 H N N 44 
LEU HD21 H N N 45 
LEU HD22 H N N 46 
LEU HD23 H N N 47 
LEU HXT  H N N 48 
SER N    N N N 49 
SER CA   C N S 50 
SER C    C N N 51 
SER O    O N N 52 
SER CB   C N N 53 
SER OG   O N N 54 
SER OXT  O N N 55 
SER H    H N N 56 
SER H2   H N N 57 
SER HA   H N N 58 
SER HB2  H N N 59 
SER HB3  H N N 60 
SER HG   H N N 61 
SER HXT  H N N 62 
TYR N    N N N 63 
TYR CA   C N S 64 
TYR C    C N N 65 
TYR O    O N N 66 
TYR CB   C N N 67 
TYR CG   C Y N 68 
TYR CD1  C Y N 69 
TYR CD2  C Y N 70 
TYR CE1  C Y N 71 
TYR CE2  C Y N 72 
TYR CZ   C Y N 73 
TYR OH   O N N 74 
TYR OXT  O N N 75 
TYR H    H N N 76 
TYR H2   H N N 77 
TYR HA   H N N 78 
TYR HB2  H N N 79 
TYR HB3  H N N 80 
TYR HD1  H N N 81 
TYR HD2  H N N 82 
TYR HE1  H N N 83 
TYR HE2  H N N 84 
TYR HH   H N N 85 
TYR HXT  H N N 86 
# 
loop_
_chem_comp_bond.comp_id 
_chem_comp_bond.atom_id_1 
_chem_comp_bond.atom_id_2 
_chem_comp_bond.value_order 
_chem_comp_bond.pdbx_aromatic_flag 
_chem_comp_bond.pdbx_stereo_config 
_chem_comp_bond.pdbx_ordinal 
ALA N   CA   sing N N 1  
ALA N   H    sing N N 2  
ALA N   H2   sing N N 3  
ALA CA  C    sing N N 4  
ALA CA  CB   sing N N 5  
ALA CA  HA   sing N N 6  
ALA C   O    doub N N 7  
ALA C   OXT  sing N N 8  
ALA CB  HB1  sing N N 9  
ALA CB  HB2  sing N N 10 
ALA CB  HB3  sing N N 11 
ALA OXT HXT  sing N N 12 
GLY N   CA   sing N N 13 
GLY N   H    sing N N 14 
GLY N   H2   sing N N 15 
GLY CA  C    sing N N 16 
GLY CA  HA2  sing N N 17 
GLY CA  HA3  sing N N 18 
GLY C   O    doub N N 19 
GLY C   OXT  sing N N 20 
GLY OXT HXT  sing N N 21 
HOH O   H1   sing N N 22 
HOH O   H2   sing N N 23 
LEU N   CA   sing N N 24 
LEU N   H    sing N N 25 
LEU N   H2   sing N N 26 
LEU CA  C    sing N N 27 
LEU CA  CB   sing N N 28 
LEU CA  HA   sing N N 29 
LEU C   O    doub N N 30 
LEU C   OXT  sing N N 31 
LEU CB  CG   sing N N 32 
LEU CB  HB2  sing N N 33 
LEU CB  HB3  sing N N 34 
LEU CG  CD1  sing N N 35 
LEU CG  CD2  sing N N 36 
LEU CG  HG   sing N N 37 
LEU CD1 HD11 sing N N 38 
LEU CD1 HD12 sing N N 39 
LEU CD1 HD13 sing N N 40 
LEU CD2 HD21 sing N N 41 
LEU CD2 HD22 sing N N 42 
LEU CD2 HD23 sing N N 43 
LEU OXT HXT  sing N N 44 
SER N   CA   sing N N 45 
SER N   H    sing N N 46 
SER N   H2   sing N N 47 
SER CA  C    sing N N 48 
SER CA  CB   sing N N 49 
SER CA  HA   sing N N 50 
SER C   O    doub N N 51 
SER C   OXT  sing N N 52 
SER CB  OG   sing N N 53 
SER CB  HB2  sing N N 54 
SER CB  HB3  sing N N 55 
SER OG  HG   sing N N 56 
SER OXT HXT  sing N N 57 
TYR N   CA   sing N N 58 
TYR N   H    sing N N 59 
TYR N   H2   sing N N 60 
TYR CA  C    sing N N 61 
TYR CA  CB   sing N N 62 
TYR CA  HA   sing N N 63 
TYR C   O    doub N N 64 
TYR C   OXT  sing N N 65 
TYR CB  CG   sing N N 66 
TYR CB  HB2  sing N N 67 
TYR CB  HB3  sing N N 68 
TYR CG  CD1  doub Y N 69 
TYR CG  CD2  sing Y N 70 
TYR CD1 CE1  sing Y N 71 
TYR CD1 HD1  sing N N 72 
TYR CD2 CE2  doub Y N 73 
TYR CD2 HD2  sing N N 74 
TYR CE1 CZ   doub Y N 75 
TYR CE1 HE1  sing N N 76 
TYR CE2 CZ   sing Y N 77 
TYR CE2 HE2  sing N N 78 
TYR CZ  OH   sing N N 79 
TYR OH  HH   sing N N 80 
TYR OXT HXT  sing N N 81 
# 
_atom_sites.entry_id                    4W71 
_atom_sites.fract_transf_matrix[1][1]   0.08038686 
_atom_sites.fract_transf_matrix[1][2]   0.06477844 
_atom_sites.fract_transf_matrix[1][3]   0.04973077 
_atom_sites.fract_transf_matrix[2][1]   -0.06536609 
_atom_sites.fract_transf_matrix[2][2]   0.05808041 
_atom_sites.fract_transf_matrix[2][3]   -0.05701338 
_atom_sites.fract_transf_matrix[3][1]   -0.02717346 
_atom_sites.fract_transf_matrix[3][2]   -0.00260660 
_atom_sites.fract_transf_matrix[3][3]   0.03636260 
_atom_sites.fract_transf_vector[1]      0.295018 
_atom_sites.fract_transf_vector[2]      0.168412 
_atom_sites.fract_transf_vector[3]      0.199213 
# 
loop_
_atom_type.symbol 
C 
N 
O 
# 
loop_
_atom_site.group_PDB 
_atom_site.id 
_atom_site.type_symbol 
_atom_site.label_atom_id 
_atom_site.label_alt_id 
_atom_site.label_comp_id 
_atom_site.label_asym_id 
_atom_site.label_entity_id 
_atom_site.label_seq_id 
_atom_site.pdbx_PDB_ins_code 
_atom_site.Cartn_x 
_atom_site.Cartn_y 
_atom_site.Cartn_z 
_atom_site.occupancy 
_atom_site.B_iso_or_equiv 
_atom_site.pdbx_formal_charge 
_atom_site.auth_seq_id 
_atom_site.auth_comp_id 
_atom_site.auth_asym_id 
_atom_site.auth_atom_id 
_atom_site.pdbx_PDB_model_num 
ATOM   1   N N   . GLY A 1 1 ? 7.278   -3.556 -7.316 1.00 3.97  ? 127 GLY A N   1 
ATOM   2   C CA  . GLY A 1 1 ? 7.338   -3.492 -5.857 1.00 3.24  ? 127 GLY A CA  1 
ATOM   3   C C   . GLY A 1 1 ? 6.125   -4.147 -5.196 1.00 3.28  ? 127 GLY A C   1 
ATOM   4   O O   . GLY A 1 1 ? 5.368   -4.868 -5.823 1.00 5.66  ? 127 GLY A O   1 
ATOM   5   N N   . TYR A 1 2 ? 5.978   -3.890 -3.903 1.00 2.61  ? 128 TYR A N   1 
ATOM   6   C CA  . TYR A 1 2 ? 4.948   -4.476 -3.069 1.00 2.97  ? 128 TYR A CA  1 
ATOM   7   C C   . TYR A 1 2 ? 3.891   -3.427 -2.734 1.00 2.83  ? 128 TYR A C   1 
ATOM   8   O O   . TYR A 1 2 ? 4.213   -2.260 -2.575 1.00 3.75  ? 128 TYR A O   1 
ATOM   9   C CB  . TYR A 1 2 ? 5.569   -5.021 -1.771 1.00 3.78  ? 128 TYR A CB  1 
ATOM   10  C CG  . TYR A 1 2 ? 6.565   -6.164 -1.952 1.00 4.86  ? 128 TYR A CG  1 
ATOM   11  C CD1 . TYR A 1 2 ? 6.260   -7.279 -2.735 1.00 6.03  ? 128 TYR A CD1 1 
ATOM   12  C CD2 . TYR A 1 2 ? 7.814   -6.126 -1.334 1.00 5.37  ? 128 TYR A CD2 1 
ATOM   13  C CE1 . TYR A 1 2 ? 7.170   -8.326 -2.874 1.00 5.83  ? 128 TYR A CE1 1 
ATOM   14  C CE2 . TYR A 1 2 ? 8.712   -7.162 -1.466 1.00 5.44  ? 128 TYR A CE2 1 
ATOM   15  C CZ  . TYR A 1 2 ? 8.387   -8.256 -2.236 1.00 5.06  ? 128 TYR A CZ  1 
ATOM   16  O OH  . TYR A 1 2 ? 9.267   -9.292 -2.396 1.00 5.40  ? 128 TYR A OH  1 
ATOM   17  N N   . LEU A 1 3 ? 2.652   -3.873 -2.559 1.00 2.53  ? 129 LEU A N   1 
ATOM   18  C CA  . LEU A 1 3 ? 1.523   -3.006 -2.270 1.00 3.16  ? 129 LEU A CA  1 
ATOM   19  C C   . LEU A 1 3 ? 0.596   -3.648 -1.254 1.00 2.68  ? 129 LEU A C   1 
ATOM   20  O O   . LEU A 1 3 ? 0.263   -4.821 -1.396 1.00 3.12  ? 129 LEU A O   1 
ATOM   21  C CB  . LEU A 1 3 ? 0.745   -2.752 -3.551 1.00 4.89  ? 129 LEU A CB  1 
ATOM   22  C CG  . LEU A 1 3 ? -0.620  -2.069 -3.434 1.00 6.82  ? 129 LEU A CG  1 
ATOM   23  C CD1 . LEU A 1 3 ? -0.436  -0.698 -2.875 1.00 8.25  ? 129 LEU A CD1 1 
ATOM   24  C CD2 . LEU A 1 3 ? -1.314  -1.997 -4.795 1.00 7.44  ? 129 LEU A CD2 1 
ATOM   25  N N   . LEU A 1 4 ? 0.167   -2.880 -0.257 1.00 2.12  ? 130 LEU A N   1 
ATOM   26  C CA  . LEU A 1 4 ? -0.985  -3.249 0.560  1.00 2.01  ? 130 LEU A CA  1 
ATOM   27  C C   . LEU A 1 4 ? -1.810  -1.988 0.779  1.00 2.00  ? 130 LEU A C   1 
ATOM   28  O O   . LEU A 1 4 ? -1.285  -0.975 1.239  1.00 2.19  ? 130 LEU A O   1 
ATOM   29  C CB  . LEU A 1 4 ? -0.569  -3.844 1.910  1.00 2.57  ? 130 LEU A CB  1 
ATOM   30  C CG  . LEU A 1 4 ? -1.698  -3.951 2.948  1.00 5.04  ? 130 LEU A CG  1 
ATOM   31  C CD1 . LEU A 1 4 ? -2.810  -4.882 2.516  1.00 5.91  ? 130 LEU A CD1 1 
ATOM   32  C CD2 . LEU A 1 4 ? -1.115  -4.385 4.314  1.00 5.90  ? 130 LEU A CD2 1 
ATOM   33  N N   . GLY A 1 5 ? -3.093  -2.036 0.437  1.00 2.70  ? 131 GLY A N   1 
ATOM   34  C CA  . GLY A 1 5 ? -3.985  -0.935 0.751  1.00 3.48  ? 131 GLY A CA  1 
ATOM   35  C C   . GLY A 1 5 ? -5.280  -1.454 1.318  1.00 2.92  ? 131 GLY A C   1 
ATOM   36  O O   . GLY A 1 5 ? -5.688  -2.573 1.009  1.00 2.96  ? 131 GLY A O   1 
ATOM   37  N N   . SER A 1 6 ? -5.947  -0.623 2.103  1.00 3.05  ? 132 SER A N   1 
ATOM   38  C CA  . SER A 1 6 ? -7.208  -1.005 2.720  1.00 3.37  ? 132 SER A CA  1 
ATOM   39  C C   . SER A 1 6 ? -8.032  0.225  2.993  1.00 2.92  ? 132 SER A C   1 
ATOM   40  O O   . SER A 1 6 ? -7.491  1.259  3.407  1.00 3.64  ? 132 SER A O   1 
ATOM   41  C CB  . SER A 1 6 ? -6.958  -1.764 4.025  1.00 4.56  ? 132 SER A CB  1 
ATOM   42  O OG  . SER A 1 6 ? -8.186  -2.072 4.655  1.00 6.30  ? 132 SER A OG  1 
ATOM   43  N N   A ALA A 1 7 ? -9.332  0.128  2.744  0.48 2.59  ? 133 ALA A N   1 
ATOM   44  N N   B ALA A 1 7 ? -9.335  0.123  2.757  0.52 2.60  ? 133 ALA A N   1 
ATOM   45  C CA  A ALA A 1 7 ? -10.253 1.206  3.084  0.48 2.79  ? 133 ALA A CA  1 
ATOM   46  C CA  B ALA A 1 7 ? -10.258 1.196  3.118  0.52 2.85  ? 133 ALA A CA  1 
ATOM   47  C C   A ALA A 1 7 ? -11.676 0.678  3.194  0.48 2.55  ? 133 ALA A C   1 
ATOM   48  C C   B ALA A 1 7 ? -11.656 0.644  3.354  0.52 2.41  ? 133 ALA A C   1 
ATOM   49  O O   A ALA A 1 7 ? -12.611 1.445  3.423  0.48 2.13  ? 133 ALA A O   1 
ATOM   50  O O   B ALA A 1 7 ? -11.865 -0.565 3.318  0.52 1.79  ? 133 ALA A O   1 
ATOM   51  C CB  A ALA A 1 7 ? -10.170 2.340  2.050  0.48 3.99  ? 133 ALA A CB  1 
ATOM   52  C CB  B ALA A 1 7 ? -10.280 2.279  2.038  0.52 4.29  ? 133 ALA A CB  1 
ATOM   53  N N   . GLY B 1 1 ? -8.328  4.557  6.322  1.00 3.60  ? 127 GLY B N   1 
ATOM   54  C CA  . GLY B 1 1 ? -7.768  3.697  5.291  1.00 2.47  ? 127 GLY B CA  1 
ATOM   55  C C   . GLY B 1 1 ? -6.285  3.945  5.211  1.00 1.98  ? 127 GLY B C   1 
ATOM   56  O O   . GLY B 1 1 ? -5.791  4.925  5.768  1.00 2.83  ? 127 GLY B O   1 
ATOM   57  N N   . TYR B 1 2 ? -5.561  3.064  4.536  1.00 1.35  ? 128 TYR B N   1 
ATOM   58  C CA  . TYR B 1 2 ? -4.123  3.224  4.447  1.00 1.78  ? 128 TYR B CA  1 
ATOM   59  C C   . TYR B 1 2 ? -3.590  2.588  3.178  1.00 1.54  ? 128 TYR B C   1 
ATOM   60  O O   . TYR B 1 2 ? -4.211  1.692  2.589  1.00 1.92  ? 128 TYR B O   1 
ATOM   61  C CB  . TYR B 1 2 ? -3.428  2.630  5.691  1.00 2.95  ? 128 TYR B CB  1 
ATOM   62  C CG  . TYR B 1 2 ? -3.644  1.153  5.876  1.00 3.09  ? 128 TYR B CG  1 
ATOM   63  C CD1 . TYR B 1 2 ? -2.781  0.223  5.298  1.00 3.61  ? 128 TYR B CD1 1 
ATOM   64  C CD2 . TYR B 1 2 ? -4.714  0.675  6.620  1.00 3.33  ? 128 TYR B CD2 1 
ATOM   65  C CE1 . TYR B 1 2 ? -2.986  -1.134 5.452  1.00 4.28  ? 128 TYR B CE1 1 
ATOM   66  C CE2 . TYR B 1 2 ? -4.927  -0.696 6.774  1.00 3.42  ? 128 TYR B CE2 1 
ATOM   67  C CZ  . TYR B 1 2 ? -4.054  -1.592 6.187  1.00 4.00  ? 128 TYR B CZ  1 
ATOM   68  O OH  . TYR B 1 2 ? -4.241  -2.953 6.323  1.00 6.07  ? 128 TYR B OH  1 
ATOM   69  N N   . LEU B 1 3 ? -2.404  3.038  2.781  1.00 2.05  ? 129 LEU B N   1 
ATOM   70  C CA  . LEU B 1 3 ? -1.702  2.459  1.650  1.00 3.55  ? 129 LEU B CA  1 
ATOM   71  C C   . LEU B 1 3 ? -0.223  2.387  1.991  1.00 2.83  ? 129 LEU B C   1 
ATOM   72  O O   . LEU B 1 3 ? 0.378   3.357  2.442  1.00 2.99  ? 129 LEU B O   1 
ATOM   73  C CB  . LEU B 1 3 ? -1.922  3.255  0.363  1.00 6.64  ? 129 LEU B CB  1 
ATOM   74  C CG  . LEU B 1 3 ? -1.382  2.536  -0.902 1.00 9.54  ? 129 LEU B CG  1 
ATOM   75  C CD1 . LEU B 1 3 ? -2.219  2.888  -2.084 1.00 11.03 ? 129 LEU B CD1 1 
ATOM   76  C CD2 . LEU B 1 3 ? 0.084   2.845  -1.193 1.00 10.44 ? 129 LEU B CD2 1 
ATOM   77  N N   A LEU B 1 4 ? 0.317   1.188  1.787  0.45 2.85  ? 130 LEU B N   1 
ATOM   78  N N   B LEU B 1 4 ? 0.354   1.229  1.719  0.55 3.09  ? 130 LEU B N   1 
ATOM   79  C CA  A LEU B 1 4 ? 1.712   0.831  1.999  0.45 3.71  ? 130 LEU B CA  1 
ATOM   80  C CA  B LEU B 1 4 ? 1.737   0.938  2.023  0.55 4.41  ? 130 LEU B CA  1 
ATOM   81  C C   A LEU B 1 4 ? 2.285   0.403  0.673  0.45 3.73  ? 130 LEU B C   1 
ATOM   82  C C   B LEU B 1 4 ? 2.355   0.327  0.786  0.55 3.72  ? 130 LEU B C   1 
ATOM   83  O O   A LEU B 1 4 ? 1.639   -0.363 -0.051 0.45 3.65  ? 130 LEU B O   1 
ATOM   84  O O   B LEU B 1 4 ? 1.795   -0.612 0.230  0.55 3.26  ? 130 LEU B O   1 
ATOM   85  C CB  A LEU B 1 4 ? 1.836   -0.343 2.980  0.45 3.99  ? 130 LEU B CB  1 
ATOM   86  C CB  B LEU B 1 4 ? 1.812   -0.035 3.197  0.55 6.50  ? 130 LEU B CB  1 
ATOM   87  C CG  A LEU B 1 4 ? 1.762   -0.086 4.477  0.45 5.27  ? 130 LEU B CG  1 
ATOM   88  C CG  B LEU B 1 4 ? 3.044   -0.909 3.376  0.55 7.70  ? 130 LEU B CG  1 
ATOM   89  C CD1 A LEU B 1 4 ? 1.283   -1.319 5.227  0.45 5.60  ? 130 LEU B CD1 1 
ATOM   90  C CD1 B LEU B 1 4 ? 4.233   -0.025 3.678  0.55 8.18  ? 130 LEU B CD1 1 
ATOM   91  C CD2 A LEU B 1 4 ? 3.133   0.374  4.976  0.45 6.20  ? 130 LEU B CD2 1 
ATOM   92  C CD2 B LEU B 1 4 ? 2.803   -1.907 4.493  0.55 8.59  ? 130 LEU B CD2 1 
ATOM   93  N N   . GLY B 1 5 ? 3.489   0.847  0.344  1.00 4.74  ? 131 GLY B N   1 
ATOM   94  C CA  . GLY B 1 5 ? 4.073   0.361  -0.877 1.00 6.80  ? 131 GLY B CA  1 
ATOM   95  C C   . GLY B 1 5 ? 5.546   0.565  -1.013 1.00 5.89  ? 131 GLY B C   1 
ATOM   96  O O   . GLY B 1 5 ? 6.135   1.454  -0.397 1.00 6.87  ? 131 GLY B O   1 
ATOM   97  N N   . SER B 1 6 ? 6.151   -0.279 -1.840 1.00 3.98  ? 132 SER B N   1 
ATOM   98  C CA  . SER B 1 6 ? 7.517   -0.047 -2.269 1.00 3.94  ? 132 SER B CA  1 
ATOM   99  C C   . SER B 1 6 ? 7.561   0.115  -3.775 1.00 3.39  ? 132 SER B C   1 
ATOM   100 O O   . SER B 1 6 ? 6.750   -0.464 -4.506 1.00 4.24  ? 132 SER B O   1 
ATOM   101 C CB  . SER B 1 6 ? 8.430   -1.190 -1.848 1.00 4.45  ? 132 SER B CB  1 
ATOM   102 O OG  . SER B 1 6 ? 8.003   -2.405 -2.446 1.00 5.78  ? 132 SER B OG  1 
ATOM   103 N N   A ALA B 1 7 ? 8.545   0.887  -4.225 0.54 3.65  ? 133 ALA B N   1 
ATOM   104 N N   B ALA B 1 7 ? 8.536   0.887  -4.238 0.46 3.81  ? 133 ALA B N   1 
ATOM   105 C CA  A ALA B 1 7 ? 8.767   1.131  -5.643 0.54 3.70  ? 133 ALA B CA  1 
ATOM   106 C CA  B ALA B 1 7 ? 8.667   1.167  -5.657 0.46 3.94  ? 133 ALA B CA  1 
ATOM   107 C C   A ALA B 1 7 ? 10.260  1.304  -5.898 0.54 2.75  ? 133 ALA B C   1 
ATOM   108 C C   B ALA B 1 7 ? 10.086  1.621  -5.985 0.46 3.26  ? 133 ALA B C   1 
ATOM   109 O O   A ALA B 1 7 ? 11.011  1.661  -4.991 0.54 1.20  ? 133 ALA B O   1 
ATOM   110 O O   B ALA B 1 7 ? 10.493  1.625  -7.148 0.46 2.14  ? 133 ALA B O   1 
ATOM   111 C CB  A ALA B 1 7 ? 7.995   2.355  -6.104 0.54 4.31  ? 133 ALA B CB  1 
ATOM   112 C CB  B ALA B 1 7 ? 7.650   2.214  -6.082 0.46 4.53  ? 133 ALA B CB  1 
HETATM 113 O O   . HOH C 2 . ? -10.398 -0.747 5.775  1.00 27.44 ? 201 HOH A O   1 
HETATM 114 O O   . HOH C 2 . ? -8.582  0.302  6.351  1.00 28.33 ? 202 HOH A O   1 
HETATM 115 O O   . HOH C 2 . ? 5.194   -1.668 -8.279 1.00 17.17 ? 203 HOH A O   1 
HETATM 116 O O   . HOH C 2 . ? 2.518   -4.326 -6.524 1.00 19.95 ? 204 HOH A O   1 
HETATM 117 O O   . HOH C 2 . ? 7.934   -7.538 -6.185 1.00 20.92 ? 205 HOH A O   1 
HETATM 118 O O   . HOH C 2 . ? 9.501   -5.847 -4.714 1.00 15.56 ? 206 HOH A O   1 
HETATM 119 O O   . HOH D 2 . ? 10.041  -4.045 -2.360 1.00 20.78 ? 201 HOH B O   1 
HETATM 120 O O   . HOH D 2 . ? -7.212  3.373  8.709  1.00 14.04 ? 202 HOH B O   1 
HETATM 121 O O   . HOH D 2 . ? -4.683  3.025  8.919  1.00 9.13  ? 203 HOH B O   1 
HETATM 122 O O   . HOH D 2 . ? 11.983  -2.358 -3.146 1.00 26.45 ? 204 HOH B O   1 
# 
loop_
_atom_site_anisotrop.id 
_atom_site_anisotrop.type_symbol 
_atom_site_anisotrop.pdbx_label_atom_id 
_atom_site_anisotrop.pdbx_label_alt_id 
_atom_site_anisotrop.pdbx_label_comp_id 
_atom_site_anisotrop.pdbx_label_asym_id 
_atom_site_anisotrop.pdbx_label_seq_id 
_atom_site_anisotrop.pdbx_PDB_ins_code 
_atom_site_anisotrop.U[1][1] 
_atom_site_anisotrop.U[2][2] 
_atom_site_anisotrop.U[3][3] 
_atom_site_anisotrop.U[1][2] 
_atom_site_anisotrop.U[1][3] 
_atom_site_anisotrop.U[2][3] 
_atom_site_anisotrop.pdbx_auth_seq_id 
_atom_site_anisotrop.pdbx_auth_comp_id 
_atom_site_anisotrop.pdbx_auth_asym_id 
_atom_site_anisotrop.pdbx_auth_atom_id 
1   N N   . GLY A 1 ? 0.0568 0.0529 0.0412 -0.0105 0.0132  -0.0089 127 GLY A N   
2   C CA  . GLY A 1 ? 0.0406 0.0417 0.0407 -0.0230 0.0118  -0.0109 127 GLY A CA  
3   C C   . GLY A 1 ? 0.0382 0.0568 0.0294 -0.0247 -0.0012 -0.0072 127 GLY A C   
4   O O   . GLY A 1 ? 0.0782 0.0959 0.0407 -0.0344 0.0194  -0.0163 127 GLY A O   
5   N N   . TYR A 2 ? 0.0424 0.0296 0.0271 -0.0077 0.0084  -0.0002 128 TYR A N   
6   C CA  . TYR A 2 ? 0.0436 0.0333 0.0360 0.0002  0.0053  -0.0005 128 TYR A CA  
7   C C   . TYR A 2 ? 0.0439 0.0282 0.0354 -0.0061 0.0106  -0.0114 128 TYR A C   
8   O O   . TYR A 2 ? 0.0435 0.0566 0.0424 -0.0191 0.0135  -0.0151 128 TYR A O   
9   C CB  . TYR A 2 ? 0.0617 0.0517 0.0302 0.0018  -0.0114 0.0068  128 TYR A CB  
10  C CG  . TYR A 2 ? 0.0712 0.0707 0.0427 0.0028  -0.0197 -0.0034 128 TYR A CG  
11  C CD1 . TYR A 2 ? 0.0782 0.0791 0.0718 0.0046  -0.0160 -0.0045 128 TYR A CD1 
12  C CD2 . TYR A 2 ? 0.0697 0.0719 0.0624 0.0073  -0.0149 -0.0062 128 TYR A CD2 
13  C CE1 . TYR A 2 ? 0.0639 0.0785 0.0790 0.0052  -0.0235 -0.0018 128 TYR A CE1 
14  C CE2 . TYR A 2 ? 0.0599 0.0790 0.0679 0.0040  -0.0194 -0.0050 128 TYR A CE2 
15  C CZ  . TYR A 2 ? 0.0549 0.0654 0.0717 -0.0001 -0.0275 -0.0027 128 TYR A CZ  
16  O OH  . TYR A 2 ? 0.0788 0.0565 0.0699 0.0061  -0.0309 -0.0100 128 TYR A OH  
17  N N   . LEU A 3 ? 0.0167 0.0364 0.0430 -0.0046 0.0095  -0.0116 129 LEU A N   
18  C CA  . LEU A 3 ? 0.0398 0.0423 0.0379 0.0051  0.0054  0.0033  129 LEU A CA  
19  C C   . LEU A 3 ? 0.0164 0.0437 0.0416 -0.0002 0.0061  -0.0147 129 LEU A C   
20  O O   . LEU A 3 ? 0.0264 0.0403 0.0517 -0.0017 0.0168  -0.0144 129 LEU A O   
21  C CB  . LEU A 3 ? 0.0811 0.0716 0.0331 0.0224  -0.0011 0.0140  129 LEU A CB  
22  C CG  . LEU A 3 ? 0.1117 0.1018 0.0456 0.0355  -0.0033 0.0201  129 LEU A CG  
23  C CD1 . LEU A 3 ? 0.1502 0.1071 0.0563 0.0466  0.0081  0.0168  129 LEU A CD1 
24  C CD2 . LEU A 3 ? 0.1108 0.1166 0.0552 0.0357  -0.0055 0.0290  129 LEU A CD2 
25  N N   . LEU A 4 ? 0.0132 0.0360 0.0313 -0.0070 0.0028  -0.0094 130 LEU A N   
26  C CA  . LEU A 4 ? 0.0140 0.0226 0.0399 -0.0047 0.0040  -0.0045 130 LEU A CA  
27  C C   . LEU A 4 ? 0.0192 0.0140 0.0428 -0.0044 0.0060  0.0004  130 LEU A C   
28  O O   . LEU A 4 ? 0.0175 0.0164 0.0492 0.0029  0.0042  -0.0058 130 LEU A O   
29  C CB  . LEU A 4 ? 0.0282 0.0399 0.0296 0.0076  -0.0045 0.0164  130 LEU A CB  
30  C CG  . LEU A 4 ? 0.0589 0.0869 0.0457 0.0051  -0.0017 0.0335  130 LEU A CG  
31  C CD1 . LEU A 4 ? 0.0571 0.1037 0.0640 -0.0051 0.0025  0.0453  130 LEU A CD1 
32  C CD2 . LEU A 4 ? 0.0708 0.1022 0.0511 0.0070  -0.0023 0.0375  130 LEU A CD2 
33  N N   . GLY A 5 ? 0.0194 0.0212 0.0619 0.0004  0.0093  -0.0081 131 GLY A N   
34  C CA  . GLY A 5 ? 0.0234 0.0287 0.0803 -0.0014 0.0117  -0.0095 131 GLY A CA  
35  C C   . GLY A 5 ? 0.0167 0.0301 0.0640 -0.0001 0.0038  -0.0064 131 GLY A C   
36  O O   . GLY A 5 ? 0.0214 0.0265 0.0646 0.0003  0.0098  -0.0109 131 GLY A O   
37  N N   . SER A 6 ? 0.0193 0.0364 0.0603 -0.0071 0.0017  -0.0126 132 SER A N   
38  C CA  . SER A 6 ? 0.0381 0.0330 0.0569 0.0003  0.0038  -0.0150 132 SER A CA  
39  C C   . SER A 6 ? 0.0246 0.0418 0.0445 -0.0071 -0.0053 -0.0190 132 SER A C   
40  O O   . SER A 6 ? 0.0274 0.0412 0.0699 -0.0064 0.0026  -0.0270 132 SER A O   
41  C CB  . SER A 6 ? 0.0766 0.0459 0.0507 -0.0014 0.0051  -0.0022 132 SER A CB  
42  O OG  . SER A 6 ? 0.1304 0.0622 0.0466 -0.0156 0.0196  0.0060  132 SER A OG  
43  N N   A ALA A 7 ? 0.0289 0.0344 0.0351 0.0054  -0.0105 -0.0051 133 ALA A N   
44  N N   B ALA A 7 ? 0.0194 0.0339 0.0455 -0.0031 -0.0028 -0.0131 133 ALA A N   
45  C CA  A ALA A 7 ? 0.0446 0.0278 0.0335 0.0154  -0.0072 0.0076  133 ALA A CA  
46  C CA  B ALA A 7 ? 0.0257 0.0291 0.0534 0.0006  0.0069  -0.0084 133 ALA A CA  
47  C C   A ALA A 7 ? 0.0417 0.0272 0.0281 0.0116  -0.0050 0.0108  133 ALA A C   
48  C C   B ALA A 7 ? 0.0207 0.0217 0.0493 -0.0065 0.0120  -0.0086 133 ALA A C   
49  O O   A ALA A 7 ? 0.0264 0.0196 0.0350 0.0096  0.0026  0.0100  133 ALA A O   
50  O O   B ALA A 7 ? 0.0155 0.0119 0.0408 -0.0021 0.0077  -0.0044 133 ALA A O   
51  C CB  A ALA A 7 ? 0.0677 0.0424 0.0416 0.0175  -0.0020 0.0125  133 ALA A CB  
52  C CB  B ALA A 7 ? 0.0521 0.0482 0.0625 0.0086  0.0141  -0.0010 133 ALA A CB  
53  N N   . GLY B 1 ? 0.0284 0.0445 0.0639 0.0054  0.0193  -0.0046 127 GLY B N   
54  C CA  . GLY B 1 ? 0.0300 0.0234 0.0406 0.0041  0.0047  -0.0005 127 GLY B CA  
55  C C   . GLY B 1 ? 0.0246 0.0128 0.0379 -0.0011 0.0029  0.0081  127 GLY B C   
56  O O   . GLY B 1 ? 0.0362 0.0154 0.0559 -0.0031 0.0080  -0.0038 127 GLY B O   
57  N N   . TYR B 2 ? 0.0212 0.0125 0.0175 0.0000  -0.0012 0.0086  128 TYR B N   
58  C CA  . TYR B 2 ? 0.0160 0.0274 0.0241 0.0028  -0.0033 0.0093  128 TYR B CA  
59  C C   . TYR B 2 ? 0.0126 0.0227 0.0234 -0.0083 -0.0042 0.0019  128 TYR B C   
60  O O   . TYR B 2 ? 0.0245 0.0255 0.0231 -0.0092 -0.0001 -0.0047 128 TYR B O   
61  C CB  . TYR B 2 ? 0.0435 0.0402 0.0282 0.0070  -0.0034 0.0081  128 TYR B CB  
62  C CG  . TYR B 2 ? 0.0361 0.0504 0.0308 0.0053  -0.0130 0.0088  128 TYR B CG  
63  C CD1 . TYR B 2 ? 0.0474 0.0471 0.0427 0.0143  -0.0065 0.0190  128 TYR B CD1 
64  C CD2 . TYR B 2 ? 0.0439 0.0559 0.0266 0.0045  -0.0174 -0.0010 128 TYR B CD2 
65  C CE1 . TYR B 2 ? 0.0547 0.0525 0.0554 0.0229  -0.0048 0.0164  128 TYR B CE1 
66  C CE2 . TYR B 2 ? 0.0502 0.0446 0.0352 0.0018  -0.0172 0.0101  128 TYR B CE2 
67  C CZ  . TYR B 2 ? 0.0630 0.0359 0.0530 0.0103  -0.0087 0.0217  128 TYR B CZ  
68  O OH  . TYR B 2 ? 0.0967 0.0473 0.0865 0.0158  0.0111  0.0304  128 TYR B OH  
69  N N   . LEU B 3 ? 0.0098 0.0388 0.0293 0.0006  -0.0007 -0.0011 129 LEU B N   
70  C CA  . LEU B 3 ? 0.0230 0.0792 0.0326 0.0110  -0.0022 0.0033  129 LEU B CA  
71  C C   . LEU B 3 ? 0.0217 0.0512 0.0346 0.0055  -0.0048 -0.0059 129 LEU B C   
72  O O   . LEU B 3 ? 0.0258 0.0383 0.0493 -0.0039 -0.0007 -0.0045 129 LEU B O   
73  C CB  . LEU B 3 ? 0.0589 0.1439 0.0495 0.0345  0.0104  0.0294  129 LEU B CB  
74  C CG  . LEU B 3 ? 0.1042 0.1811 0.0771 0.0537  0.0321  0.0346  129 LEU B CG  
75  C CD1 . LEU B 3 ? 0.1390 0.1976 0.0823 0.0575  0.0404  0.0268  129 LEU B CD1 
76  C CD2 . LEU B 3 ? 0.1074 0.1953 0.0938 0.0529  0.0401  0.0348  129 LEU B CD2 
77  N N   A LEU B 4 ? 0.0219 0.0456 0.0409 0.0028  -0.0023 -0.0159 130 LEU B N   
78  N N   B LEU B 4 ? 0.0249 0.0566 0.0358 0.0025  -0.0040 -0.0094 130 LEU B N   
79  C CA  A LEU B 4 ? 0.0385 0.0543 0.0483 -0.0003 0.0006  -0.0171 130 LEU B CA  
80  C CA  B LEU B 4 ? 0.0484 0.0783 0.0410 0.0014  -0.0005 -0.0034 130 LEU B CA  
81  C C   A LEU B 4 ? 0.0400 0.0387 0.0628 -0.0110 0.0165  -0.0186 130 LEU B C   
82  C C   B LEU B 4 ? 0.0354 0.0538 0.0524 -0.0136 0.0070  -0.0120 130 LEU B C   
83  O O   A LEU B 4 ? 0.0443 0.0233 0.0710 -0.0059 0.0245  -0.0057 130 LEU B O   
84  O O   B LEU B 4 ? 0.0363 0.0316 0.0558 -0.0181 0.0071  0.0015  130 LEU B O   
85  C CB  A LEU B 4 ? 0.0451 0.0560 0.0504 0.0140  -0.0089 -0.0132 130 LEU B CB  
86  C CB  B LEU B 4 ? 0.0883 0.1095 0.0492 0.0235  0.0041  0.0119  130 LEU B CB  
87  C CG  A LEU B 4 ? 0.0720 0.0615 0.0667 0.0304  -0.0009 -0.0011 130 LEU B CG  
88  C CG  B LEU B 4 ? 0.1185 0.1175 0.0564 0.0205  0.0055  0.0253  130 LEU B CG  
89  C CD1 A LEU B 4 ? 0.0668 0.0730 0.0729 0.0235  -0.0022 -0.0060 130 LEU B CD1 
90  C CD1 B LEU B 4 ? 0.1269 0.1284 0.0552 0.0210  0.0036  0.0318  130 LEU B CD1 
91  C CD2 A LEU B 4 ? 0.0887 0.0639 0.0830 0.0313  0.0121  -0.0021 130 LEU B CD2 
92  C CD2 B LEU B 4 ? 0.1426 0.1214 0.0622 0.0263  0.0121  0.0310  130 LEU B CD2 
93  N N   . GLY B 5 ? 0.0423 0.0652 0.0725 -0.0203 0.0235  -0.0357 131 GLY B N   
94  C CA  . GLY B 5 ? 0.0729 0.0904 0.0953 -0.0206 0.0394  -0.0432 131 GLY B CA  
95  C C   . GLY B 5 ? 0.0579 0.0707 0.0955 -0.0261 0.0345  -0.0440 131 GLY B C   
96  O O   . GLY B 5 ? 0.0664 0.0820 0.1124 -0.0294 0.0400  -0.0504 131 GLY B O   
97  N N   . SER B 6 ? 0.0378 0.0496 0.0639 -0.0179 0.0212  -0.0288 132 SER B N   
98  C CA  . SER B 6 ? 0.0486 0.0544 0.0468 -0.0167 0.0053  -0.0129 132 SER B CA  
99  C C   . SER B 6 ? 0.0420 0.0517 0.0351 -0.0090 -0.0062 -0.0110 132 SER B C   
100 O O   . SER B 6 ? 0.0561 0.0528 0.0521 -0.0085 0.0045  -0.0091 132 SER B O   
101 C CB  . SER B 6 ? 0.0665 0.0569 0.0456 -0.0228 -0.0095 -0.0096 132 SER B CB  
102 O OG  . SER B 6 ? 0.0919 0.0698 0.0579 -0.0232 -0.0136 -0.0145 132 SER B OG  
103 N N   A ALA B 7 ? 0.0529 0.0542 0.0317 0.0011  -0.0019 0.0000  133 ALA B N   
104 N N   B ALA B 7 ? 0.0602 0.0503 0.0342 -0.0097 -0.0032 -0.0039 133 ALA B N   
105 C CA  A ALA B 7 ? 0.0593 0.0550 0.0260 0.0163  -0.0018 0.0139  133 ALA B CA  
106 C CA  B ALA B 7 ? 0.0725 0.0537 0.0236 0.0003  -0.0082 0.0089  133 ALA B CA  
107 C C   A ALA B 7 ? 0.0468 0.0324 0.0251 0.0200  0.0094  0.0104  133 ALA B C   
108 C C   B ALA B 7 ? 0.0652 0.0386 0.0199 0.0047  -0.0064 0.0065  133 ALA B C   
109 O O   A ALA B 7 ? 0.0104 0.0275 0.0079 0.0068  0.0007  0.0005  133 ALA B O   
110 O O   B ALA B 7 ? 0.0331 0.0343 0.0137 -0.0007 -0.0101 0.0007  133 ALA B O   
111 C CB  A ALA B 7 ? 0.0676 0.0661 0.0300 0.0211  -0.0029 0.0147  133 ALA B CB  
112 C CB  B ALA B 7 ? 0.0879 0.0523 0.0320 0.0011  -0.0011 0.0129  133 ALA B CB  
113 O O   . HOH C . ? 0.4533 0.4544 0.1347 -0.0058 -0.0532 0.0508  201 HOH A O   
114 O O   . HOH C . ? 0.2440 0.4652 0.3673 0.0167  0.0196  -0.1611 202 HOH A O   
115 O O   . HOH C . ? 0.1681 0.1907 0.2936 0.0595  0.0164  0.1114  203 HOH A O   
116 O O   . HOH C . ? 0.1711 0.4032 0.1838 0.0961  -0.0352 -0.1255 204 HOH A O   
117 O O   . HOH C . ? 0.3771 0.2923 0.1253 0.0109  -0.0211 0.0747  205 HOH A O   
118 O O   . HOH C . ? 0.2472 0.2137 0.1304 0.1258  -0.0209 -0.0207 206 HOH A O   
119 O O   . HOH D . ? 0.1643 0.1540 0.4714 0.0164  0.1056  0.0129  201 HOH B O   
120 O O   . HOH D . ? 0.3174 0.1080 0.1080 0.0252  -0.0719 -0.0061 202 HOH B O   
121 O O   . HOH D . ? 0.1971 0.0878 0.0620 0.0265  0.0111  -0.0161 203 HOH B O   
122 O O   . HOH D . ? 0.4220 0.3423 0.2405 0.0913  -0.0882 -0.1414 204 HOH B O   
# 
